data_4CAI
#
_entry.id   4CAI
#
_cell.length_a   79.894
_cell.length_b   77.473
_cell.length_c   74.504
_cell.angle_alpha   90.00
_cell.angle_beta   90.00
_cell.angle_gamma   90.00
#
_symmetry.space_group_name_H-M   'P 21 21 21'
#
loop_
_entity.id
_entity.type
_entity.pdbx_description
1 polymer DYSFERLIN
2 non-polymer 'PHOSPHATE ION'
3 water water
#
_entity_poly.entity_id   1
_entity_poly.type   'polypeptide(L)'
_entity_poly.pdbx_seq_one_letter_code
;SMDAGHLSFVEEVFENQTRLPGGQWIYMSDNYTDVNGEKVLPKDDIECPLGWKWEDEEWSTDLNRAVDEQGWEYSITIPP
ERKPKHWVPAEKMYYTHRRRRWVRLRRRDLSQ
;
_entity_poly.pdbx_strand_id   A,B,C
#
loop_
_chem_comp.id
_chem_comp.type
_chem_comp.name
_chem_comp.formula
PO4 non-polymer 'PHOSPHATE ION' 'O4 P -3'
#
# COMPACT_ATOMS: atom_id res chain seq x y z
N ASP A 3 14.91 -14.11 13.49
CA ASP A 3 14.18 -15.35 13.22
C ASP A 3 12.74 -15.26 13.76
N ALA A 4 12.46 -14.28 14.61
CA ALA A 4 11.13 -14.17 15.13
C ALA A 4 10.35 -13.09 14.38
N GLY A 5 11.01 -12.38 13.47
CA GLY A 5 10.36 -11.34 12.70
C GLY A 5 10.34 -10.00 13.42
N HIS A 6 9.61 -9.02 12.87
CA HIS A 6 9.51 -7.71 13.50
C HIS A 6 8.15 -7.08 13.28
N LEU A 7 7.80 -6.13 14.15
CA LEU A 7 6.61 -5.31 14.00
C LEU A 7 7.01 -4.08 13.23
N SER A 8 6.06 -3.55 12.48
CA SER A 8 6.30 -2.37 11.66
CA SER A 8 6.31 -2.35 11.69
C SER A 8 5.17 -1.39 11.87
N PHE A 9 5.47 -0.11 11.84
CA PHE A 9 4.46 0.89 12.03
C PHE A 9 4.90 2.12 11.31
N VAL A 10 3.98 2.66 10.52
CA VAL A 10 4.21 3.88 9.79
C VAL A 10 3.60 4.97 10.63
N GLU A 11 4.44 5.87 11.09
CA GLU A 11 3.97 7.06 11.78
C GLU A 11 3.47 8.07 10.73
N GLU A 12 2.29 8.65 11.00
CA GLU A 12 1.63 9.60 10.11
C GLU A 12 1.33 10.89 10.86
N VAL A 13 1.80 12.01 10.34
CA VAL A 13 1.43 13.31 10.86
C VAL A 13 1.14 14.29 9.73
N PHE A 14 0.35 15.31 10.04
CA PHE A 14 -0.03 16.29 9.07
C PHE A 14 0.48 17.68 9.38
N GLU A 15 1.19 18.27 8.41
CA GLU A 15 1.57 19.68 8.44
C GLU A 15 0.40 20.56 7.93
N ASN A 16 -0.01 21.54 8.74
CA ASN A 16 -1.19 22.38 8.41
C ASN A 16 -0.90 23.84 8.14
N GLN A 17 -1.57 24.35 7.10
CA GLN A 17 -1.57 25.80 6.85
C GLN A 17 -3.00 26.32 6.68
N THR A 18 -3.22 27.61 6.92
CA THR A 18 -4.51 28.25 6.70
C THR A 18 -4.34 29.55 5.91
N ARG A 19 -5.45 30.13 5.46
CA ARG A 19 -5.41 31.46 4.88
C ARG A 19 -6.77 32.16 4.88
N LEU A 20 -6.74 33.47 4.64
CA LEU A 20 -7.96 34.19 4.35
C LEU A 20 -8.12 34.19 2.84
N PRO A 21 -9.36 33.98 2.36
CA PRO A 21 -9.58 34.11 0.92
C PRO A 21 -8.92 35.38 0.39
N GLY A 22 -8.13 35.26 -0.68
CA GLY A 22 -7.43 36.40 -1.26
C GLY A 22 -6.09 36.64 -0.57
N GLY A 23 -5.87 35.95 0.53
CA GLY A 23 -4.62 36.01 1.26
C GLY A 23 -3.60 34.99 0.77
N GLN A 24 -2.57 34.79 1.57
CA GLN A 24 -1.49 33.87 1.25
C GLN A 24 -1.39 32.73 2.28
N TRP A 25 -0.79 31.61 1.89
CA TRP A 25 -0.67 30.46 2.80
C TRP A 25 0.43 30.76 3.81
N ILE A 26 0.12 30.60 5.09
CA ILE A 26 1.04 30.98 6.14
C ILE A 26 1.28 29.91 7.21
N TYR A 27 2.54 29.85 7.67
CA TYR A 27 3.03 29.01 8.77
C TYR A 27 2.37 29.35 10.11
N MET A 28 2.26 28.37 11.00
CA MET A 28 1.72 28.58 12.34
C MET A 28 2.69 28.07 13.42
N SER A 29 2.25 27.97 14.67
CA SER A 29 3.11 27.56 15.79
C SER A 29 3.48 26.09 15.68
N ASP A 30 3.00 25.32 16.64
CA ASP A 30 2.89 23.88 16.49
C ASP A 30 1.69 23.65 15.61
N ASN A 31 1.97 23.53 14.32
CA ASN A 31 0.95 23.30 13.30
C ASN A 31 0.83 21.86 12.79
N TYR A 32 1.09 20.90 13.66
CA TYR A 32 0.98 19.50 13.29
C TYR A 32 -0.16 18.82 14.02
N THR A 33 -0.90 17.99 13.30
CA THR A 33 -2.02 17.27 13.88
C THR A 33 -1.99 15.85 13.38
N ASP A 34 -2.82 15.01 13.98
CA ASP A 34 -3.13 13.71 13.42
C ASP A 34 -4.23 13.88 12.36
N VAL A 35 -4.69 12.79 11.79
CA VAL A 35 -5.58 12.88 10.64
C VAL A 35 -6.93 13.52 10.96
N ASN A 36 -7.33 13.43 12.23
CA ASN A 36 -8.59 14.04 12.65
C ASN A 36 -8.43 15.48 13.14
N GLY A 37 -7.22 16.02 13.04
CA GLY A 37 -6.99 17.40 13.43
C GLY A 37 -6.62 17.60 14.90
N GLU A 38 -6.41 16.52 15.63
CA GLU A 38 -5.98 16.62 17.02
C GLU A 38 -4.48 16.84 17.03
N LYS A 39 -4.02 17.73 17.91
CA LYS A 39 -2.64 18.18 17.90
C LYS A 39 -1.67 17.06 18.19
N VAL A 40 -0.48 17.17 17.60
CA VAL A 40 0.63 16.28 17.93
C VAL A 40 1.95 17.04 17.77
N LEU A 41 3.05 16.37 18.10
CA LEU A 41 4.36 17.00 18.01
C LEU A 41 4.73 17.21 16.54
N PRO A 42 5.53 18.25 16.27
CA PRO A 42 6.05 18.47 14.91
C PRO A 42 6.89 17.28 14.43
N LYS A 43 6.82 16.93 13.15
CA LYS A 43 7.39 15.66 12.71
C LYS A 43 8.81 15.45 13.24
N ASP A 44 9.60 16.51 13.26
CA ASP A 44 11.02 16.37 13.57
C ASP A 44 11.27 16.17 15.05
N ASP A 45 10.24 16.34 15.86
CA ASP A 45 10.36 16.06 17.30
C ASP A 45 9.83 14.68 17.69
N ILE A 46 9.33 13.92 16.72
CA ILE A 46 8.75 12.62 17.05
C ILE A 46 9.84 11.58 17.29
N GLU A 47 9.71 10.85 18.39
CA GLU A 47 10.70 9.87 18.80
C GLU A 47 10.09 8.48 18.79
N CYS A 48 10.92 7.48 18.54
CA CYS A 48 10.48 6.10 18.63
C CYS A 48 10.04 5.77 20.05
N PRO A 49 9.00 4.96 20.20
CA PRO A 49 8.75 4.42 21.55
C PRO A 49 9.92 3.53 21.97
N LEU A 50 10.08 3.39 23.27
CA LEU A 50 11.08 2.52 23.83
C LEU A 50 11.04 1.17 23.15
N GLY A 51 12.19 0.74 22.62
CA GLY A 51 12.29 -0.56 22.00
C GLY A 51 12.17 -0.53 20.49
N TRP A 52 11.80 0.62 19.93
CA TRP A 52 11.62 0.73 18.47
C TRP A 52 12.76 1.47 17.83
N LYS A 53 12.90 1.32 16.51
CA LYS A 53 13.89 2.07 15.74
C LYS A 53 13.30 2.49 14.41
N TRP A 54 13.73 3.63 13.90
CA TRP A 54 13.33 4.08 12.57
C TRP A 54 13.90 3.14 11.53
N GLU A 55 13.13 2.87 10.49
CA GLU A 55 13.66 2.12 9.35
C GLU A 55 13.92 3.10 8.23
N ASP A 56 12.96 3.99 7.96
CA ASP A 56 13.20 5.05 7.01
C ASP A 56 14.11 6.09 7.63
N GLU A 57 15.11 6.50 6.89
CA GLU A 57 16.01 7.54 7.35
C GLU A 57 15.36 8.91 7.36
N GLU A 58 14.33 9.10 6.53
CA GLU A 58 13.70 10.42 6.41
C GLU A 58 12.22 10.30 6.42
N TRP A 59 11.57 11.40 6.80
CA TRP A 59 10.14 11.57 6.58
C TRP A 59 9.88 11.77 5.08
N SER A 60 8.72 11.34 4.61
CA SER A 60 8.41 11.45 3.21
C SER A 60 6.95 11.84 3.05
N THR A 61 6.56 12.34 1.88
CA THR A 61 5.18 12.66 1.64
C THR A 61 4.77 12.02 0.31
N ASP A 62 3.65 11.29 0.33
CA ASP A 62 3.27 10.42 -0.80
C ASP A 62 2.37 11.10 -1.87
N LEU A 63 2.96 11.34 -3.03
CA LEU A 63 2.24 12.10 -4.05
C LEU A 63 1.21 11.28 -4.89
N ASN A 64 1.09 9.99 -4.63
CA ASN A 64 0.08 9.18 -5.29
C ASN A 64 -1.31 9.33 -4.64
N ARG A 65 -1.38 9.90 -3.43
CA ARG A 65 -2.67 10.10 -2.80
CA ARG A 65 -2.65 10.16 -2.76
C ARG A 65 -3.34 11.27 -3.50
N ALA A 66 -4.56 11.62 -3.08
CA ALA A 66 -5.24 12.70 -3.77
C ALA A 66 -4.80 14.09 -3.25
N VAL A 67 -3.64 14.54 -3.72
CA VAL A 67 -3.03 15.78 -3.23
C VAL A 67 -2.43 16.45 -4.42
N ASP A 68 -2.04 17.70 -4.28
CA ASP A 68 -1.45 18.41 -5.42
C ASP A 68 0.04 18.07 -5.55
N GLU A 69 0.72 18.77 -6.46
CA GLU A 69 2.12 18.44 -6.81
C GLU A 69 3.13 18.72 -5.68
N GLN A 70 2.68 19.41 -4.64
CA GLN A 70 3.54 19.63 -3.49
C GLN A 70 3.09 18.82 -2.28
N GLY A 71 2.07 17.99 -2.46
CA GLY A 71 1.56 17.10 -1.43
C GLY A 71 0.43 17.66 -0.57
N TRP A 72 -0.16 18.79 -0.95
CA TRP A 72 -1.19 19.43 -0.16
C TRP A 72 -2.58 18.93 -0.54
N GLU A 73 -3.47 18.76 0.44
CA GLU A 73 -4.91 18.64 0.14
C GLU A 73 -5.64 19.79 0.79
N TYR A 74 -6.85 20.08 0.32
CA TYR A 74 -7.53 21.34 0.66
C TYR A 74 -8.90 21.14 1.27
N SER A 75 -9.38 22.16 2.01
CA SER A 75 -10.69 22.12 2.60
C SER A 75 -11.14 23.50 3.10
N ILE A 76 -12.32 23.56 3.72
CA ILE A 76 -12.84 24.77 4.33
C ILE A 76 -13.60 24.33 5.55
N THR A 77 -13.86 25.24 6.47
CA THR A 77 -14.64 24.89 7.64
C THR A 77 -16.10 25.23 7.38
N ILE A 78 -16.95 24.22 7.48
CA ILE A 78 -18.38 24.42 7.27
C ILE A 78 -19.20 24.27 8.56
N PRO A 79 -19.63 25.38 9.17
CA PRO A 79 -20.54 25.26 10.32
C PRO A 79 -21.61 24.21 10.03
N PRO A 80 -22.06 23.51 11.08
CA PRO A 80 -21.73 23.84 12.47
C PRO A 80 -20.33 23.40 12.93
N GLU A 81 -19.52 22.80 12.06
CA GLU A 81 -18.21 22.30 12.45
C GLU A 81 -17.20 23.42 12.71
N ARG A 82 -16.13 23.09 13.43
CA ARG A 82 -15.14 24.08 13.81
C ARG A 82 -13.87 23.80 13.05
N LYS A 83 -13.84 22.68 12.36
CA LYS A 83 -12.68 22.35 11.53
C LYS A 83 -13.06 21.63 10.24
N PRO A 84 -12.15 21.65 9.27
CA PRO A 84 -12.40 20.95 8.00
C PRO A 84 -12.57 19.46 8.26
N LYS A 85 -13.46 18.84 7.51
CA LYS A 85 -13.67 17.40 7.59
C LYS A 85 -13.36 16.71 6.24
N HIS A 86 -13.59 17.41 5.13
CA HIS A 86 -13.43 16.78 3.85
C HIS A 86 -12.41 17.52 3.03
N TRP A 87 -11.40 16.77 2.59
CA TRP A 87 -10.24 17.31 1.88
C TRP A 87 -10.29 16.94 0.41
N VAL A 88 -9.81 17.83 -0.47
CA VAL A 88 -9.78 17.60 -1.90
C VAL A 88 -8.39 17.93 -2.46
N PRO A 89 -8.03 17.33 -3.61
CA PRO A 89 -6.67 17.48 -4.16
C PRO A 89 -6.37 18.82 -4.74
N ALA A 90 -7.41 19.52 -5.20
CA ALA A 90 -7.26 20.72 -6.01
C ALA A 90 -7.51 22.00 -5.23
N GLU A 91 -6.61 22.97 -5.40
CA GLU A 91 -6.74 24.27 -4.76
CA GLU A 91 -6.74 24.27 -4.76
C GLU A 91 -7.78 25.11 -5.50
N LYS A 92 -8.57 25.89 -4.74
CA LYS A 92 -9.53 26.88 -5.29
C LYS A 92 -9.48 28.09 -4.37
N MET A 93 -9.89 29.26 -4.87
CA MET A 93 -9.62 30.50 -4.13
C MET A 93 -10.39 30.59 -2.81
N TYR A 94 -11.53 29.89 -2.71
CA TYR A 94 -12.34 29.97 -1.50
C TYR A 94 -11.91 28.92 -0.45
N TYR A 95 -10.95 28.07 -0.78
CA TYR A 95 -10.44 27.10 0.21
C TYR A 95 -9.50 27.81 1.20
N THR A 96 -9.69 27.52 2.49
CA THR A 96 -9.06 28.24 3.59
C THR A 96 -8.05 27.36 4.41
N HIS A 97 -8.10 26.05 4.22
CA HIS A 97 -7.17 25.15 4.89
C HIS A 97 -6.50 24.26 3.91
N ARG A 98 -5.26 23.89 4.24
CA ARG A 98 -4.61 22.80 3.56
C ARG A 98 -3.67 22.05 4.49
N ARG A 99 -3.42 20.79 4.16
CA ARG A 99 -2.53 19.98 4.98
C ARG A 99 -1.80 19.02 4.11
N ARG A 100 -0.70 18.51 4.65
CA ARG A 100 0.20 17.64 3.93
C ARG A 100 0.64 16.50 4.83
N ARG A 101 0.52 15.29 4.33
CA ARG A 101 0.72 14.10 5.13
C ARG A 101 2.17 13.64 5.11
N TRP A 102 2.80 13.58 6.27
CA TRP A 102 4.17 13.09 6.38
C TRP A 102 4.21 11.71 7.03
N VAL A 103 4.96 10.80 6.43
CA VAL A 103 5.02 9.45 6.96
C VAL A 103 6.42 8.97 7.15
N ARG A 104 6.61 8.12 8.16
CA ARG A 104 7.90 7.47 8.39
C ARG A 104 7.77 6.10 9.10
N LEU A 105 8.46 5.10 8.54
CA LEU A 105 8.39 3.72 9.02
C LEU A 105 9.34 3.46 10.19
N ARG A 106 8.84 2.84 11.25
CA ARG A 106 9.70 2.36 12.31
C ARG A 106 9.40 0.90 12.54
N ARG A 107 10.30 0.21 13.20
CA ARG A 107 10.12 -1.22 13.47
C ARG A 107 10.61 -1.63 14.90
N ARG A 108 10.13 -2.78 15.35
CA ARG A 108 10.61 -3.41 16.61
C ARG A 108 10.83 -4.90 16.36
N ASP A 109 12.08 -5.32 16.57
CA ASP A 109 12.48 -6.72 16.42
C ASP A 109 11.86 -7.47 17.56
N LEU A 110 11.32 -8.66 17.28
CA LEU A 110 10.65 -9.44 18.29
C LEU A 110 11.59 -10.33 19.13
N SER A 111 12.79 -10.56 18.62
CA SER A 111 13.90 -11.08 19.43
C SER A 111 15.14 -11.32 18.57
N ASP B 3 16.64 15.76 5.69
CA ASP B 3 16.41 16.64 6.84
C ASP B 3 15.03 17.32 6.72
N ALA B 4 14.70 17.86 5.56
CA ALA B 4 13.39 18.49 5.36
C ALA B 4 12.46 17.43 4.75
N GLY B 5 13.00 16.25 4.50
CA GLY B 5 12.22 15.16 3.98
C GLY B 5 12.21 15.19 2.47
N HIS B 6 11.41 14.29 1.88
CA HIS B 6 11.34 14.19 0.42
C HIS B 6 9.96 13.82 -0.04
N LEU B 7 9.69 14.16 -1.30
CA LEU B 7 8.46 13.73 -1.96
C LEU B 7 8.68 12.37 -2.58
N SER B 8 7.65 11.56 -2.63
CA SER B 8 7.75 10.26 -3.25
CA SER B 8 7.74 10.24 -3.22
C SER B 8 6.62 10.06 -4.23
N PHE B 9 6.90 9.36 -5.30
CA PHE B 9 5.87 9.08 -6.29
C PHE B 9 6.19 7.77 -6.97
N VAL B 10 5.20 6.90 -7.01
CA VAL B 10 5.31 5.66 -7.74
C VAL B 10 4.75 5.94 -9.14
N GLU B 11 5.65 5.91 -10.13
CA GLU B 11 5.28 5.98 -11.53
C GLU B 11 4.68 4.64 -11.95
N GLU B 12 3.60 4.72 -12.69
CA GLU B 12 2.88 3.55 -13.16
C GLU B 12 2.75 3.59 -14.67
N VAL B 13 3.14 2.50 -15.35
CA VAL B 13 2.85 2.38 -16.79
C VAL B 13 2.40 0.97 -17.16
N PHE B 14 1.66 0.88 -18.27
CA PHE B 14 1.09 -0.38 -18.74
C PHE B 14 1.68 -0.85 -20.06
N GLU B 15 2.21 -2.07 -20.04
CA GLU B 15 2.64 -2.76 -21.24
C GLU B 15 1.44 -3.45 -21.89
N ASN B 16 1.18 -3.17 -23.17
CA ASN B 16 0.00 -3.72 -23.83
C ASN B 16 0.31 -4.67 -24.95
N GLN B 17 -0.43 -5.76 -25.00
CA GLN B 17 -0.40 -6.67 -26.11
C GLN B 17 -1.80 -6.96 -26.57
N THR B 18 -1.92 -7.30 -27.85
CA THR B 18 -3.17 -7.73 -28.46
C THR B 18 -2.93 -8.99 -29.25
N ARG B 19 -4.02 -9.59 -29.67
CA ARG B 19 -3.97 -10.72 -30.59
C ARG B 19 -5.30 -10.84 -31.31
N LEU B 20 -5.30 -11.61 -32.39
CA LEU B 20 -6.52 -12.00 -33.04
C LEU B 20 -6.96 -13.27 -32.35
N PRO B 21 -8.27 -13.45 -32.17
CA PRO B 21 -8.77 -14.69 -31.57
C PRO B 21 -8.04 -15.92 -32.10
N GLY B 22 -7.53 -16.75 -31.20
CA GLY B 22 -6.83 -17.96 -31.57
C GLY B 22 -5.37 -17.74 -31.91
N GLY B 23 -4.98 -16.48 -32.02
CA GLY B 23 -3.63 -16.11 -32.40
C GLY B 23 -2.64 -16.14 -31.24
N GLN B 24 -1.51 -15.47 -31.44
CA GLN B 24 -0.46 -15.46 -30.44
C GLN B 24 -0.33 -14.02 -29.97
N TRP B 25 0.20 -13.81 -28.78
CA TRP B 25 0.30 -12.47 -28.21
C TRP B 25 1.42 -11.70 -28.85
N ILE B 26 1.09 -10.50 -29.32
CA ILE B 26 2.03 -9.61 -29.98
C ILE B 26 1.96 -8.15 -29.51
N TYR B 27 3.11 -7.48 -29.51
CA TYR B 27 3.19 -6.04 -29.30
C TYR B 27 2.42 -5.26 -30.35
N MET B 28 1.97 -4.06 -29.98
CA MET B 28 1.20 -3.19 -30.86
C MET B 28 2.00 -1.89 -31.02
N SER B 29 1.41 -0.81 -31.54
CA SER B 29 2.18 0.42 -31.75
C SER B 29 2.90 0.68 -30.44
N ASP B 30 4.23 0.64 -30.46
CA ASP B 30 4.98 0.05 -29.35
C ASP B 30 4.58 0.54 -27.95
N ASN B 31 3.28 0.81 -27.79
CA ASN B 31 2.38 0.09 -26.87
C ASN B 31 2.49 0.19 -25.35
N TYR B 32 2.92 1.33 -24.83
CA TYR B 32 2.87 1.54 -23.41
C TYR B 32 1.84 2.66 -23.20
N THR B 33 0.96 2.51 -22.20
CA THR B 33 -0.08 3.50 -21.93
C THR B 33 -0.23 3.76 -20.43
N ASP B 34 -1.04 4.78 -20.08
CA ASP B 34 -1.51 4.93 -18.70
C ASP B 34 -2.78 4.07 -18.48
N VAL B 35 -3.34 4.13 -17.28
CA VAL B 35 -4.41 3.21 -16.89
C VAL B 35 -5.68 3.41 -17.72
N ASN B 36 -5.87 4.61 -18.26
CA ASN B 36 -7.02 4.90 -19.12
C ASN B 36 -6.74 4.60 -20.59
N GLY B 37 -5.57 4.05 -20.92
CA GLY B 37 -5.26 3.68 -22.29
C GLY B 37 -4.60 4.79 -23.13
N GLU B 38 -4.25 5.90 -22.49
CA GLU B 38 -3.62 7.00 -23.21
C GLU B 38 -2.11 6.75 -23.34
N LYS B 39 -1.53 7.03 -24.50
CA LYS B 39 -0.14 6.63 -24.75
C LYS B 39 0.90 7.32 -23.87
N VAL B 40 2.00 6.59 -23.63
CA VAL B 40 3.23 7.10 -23.02
C VAL B 40 4.43 6.31 -23.57
N LEU B 41 5.65 6.69 -23.18
CA LEU B 41 6.86 5.99 -23.63
C LEU B 41 7.05 4.66 -22.93
N PRO B 42 7.79 3.75 -23.58
CA PRO B 42 8.17 2.46 -22.97
C PRO B 42 8.97 2.56 -21.65
N LYS B 43 8.67 1.69 -20.71
CA LYS B 43 9.20 1.86 -19.36
C LYS B 43 10.70 2.13 -19.35
N ASP B 44 11.44 1.51 -20.23
CA ASP B 44 12.88 1.64 -20.13
C ASP B 44 13.37 2.98 -20.69
N ASP B 45 12.50 3.70 -21.40
CA ASP B 45 12.85 5.02 -21.88
C ASP B 45 12.30 6.13 -21.00
N ILE B 46 11.59 5.78 -19.94
CA ILE B 46 11.00 6.82 -19.11
C ILE B 46 12.05 7.42 -18.20
N GLU B 47 12.09 8.73 -18.16
CA GLU B 47 13.08 9.44 -17.37
C GLU B 47 12.36 10.14 -16.26
N CYS B 48 13.06 10.35 -15.16
CA CYS B 48 12.55 11.17 -14.08
C CYS B 48 12.30 12.56 -14.58
N PRO B 49 11.27 13.20 -14.05
CA PRO B 49 11.19 14.64 -14.29
C PRO B 49 12.36 15.38 -13.66
N LEU B 50 12.57 16.55 -14.19
CA LEU B 50 13.58 17.45 -13.70
C LEU B 50 13.46 17.59 -12.19
N GLY B 51 14.57 17.36 -11.48
CA GLY B 51 14.59 17.54 -10.05
C GLY B 51 14.38 16.25 -9.26
N TRP B 52 13.96 15.19 -9.95
CA TRP B 52 13.70 13.89 -9.28
C TRP B 52 14.80 12.84 -9.56
N LYS B 53 14.79 11.78 -8.76
CA LYS B 53 15.67 10.65 -8.95
C LYS B 53 14.87 9.38 -8.75
N TRP B 54 15.24 8.31 -9.48
CA TRP B 54 14.68 6.99 -9.20
C TRP B 54 15.21 6.51 -7.84
N GLU B 55 14.36 5.84 -7.07
CA GLU B 55 14.73 5.19 -5.82
C GLU B 55 14.80 3.66 -6.07
N ASP B 56 13.79 3.10 -6.73
CA ASP B 56 13.87 1.68 -7.10
C ASP B 56 14.87 1.52 -8.22
N GLU B 57 15.77 0.56 -8.11
CA GLU B 57 16.73 0.29 -9.16
C GLU B 57 16.02 -0.26 -10.39
N GLU B 58 14.86 -0.88 -10.19
CA GLU B 58 14.16 -1.55 -11.29
C GLU B 58 12.66 -1.30 -11.29
N TRP B 59 12.06 -1.42 -12.49
CA TRP B 59 10.61 -1.51 -12.62
C TRP B 59 10.14 -2.85 -12.10
N SER B 60 8.92 -2.87 -11.55
CA SER B 60 8.39 -4.10 -10.97
C SER B 60 6.91 -4.22 -11.30
N THR B 61 6.39 -5.45 -11.22
CA THR B 61 4.98 -5.67 -11.45
C THR B 61 4.44 -6.46 -10.26
N ASP B 62 3.32 -5.99 -9.72
CA ASP B 62 2.77 -6.49 -8.46
C ASP B 62 1.76 -7.60 -8.66
N LEU B 63 2.13 -8.81 -8.26
CA LEU B 63 1.31 -9.97 -8.48
C LEU B 63 0.18 -10.20 -7.47
N ASN B 64 0.09 -9.35 -6.45
CA ASN B 64 -0.98 -9.48 -5.47
C ASN B 64 -2.26 -8.86 -6.02
N ARG B 65 -2.11 -8.04 -7.06
CA ARG B 65 -3.28 -7.48 -7.71
CA ARG B 65 -3.25 -7.47 -7.79
C ARG B 65 -3.96 -8.57 -8.53
N ALA B 66 -5.05 -8.24 -9.21
CA ALA B 66 -5.82 -9.28 -9.89
C ALA B 66 -5.23 -9.58 -11.29
N VAL B 67 -4.13 -10.34 -11.33
CA VAL B 67 -3.38 -10.57 -12.56
C VAL B 67 -2.94 -12.02 -12.58
N ASP B 68 -2.53 -12.57 -13.74
CA ASP B 68 -2.10 -13.97 -13.75
C ASP B 68 -0.64 -14.06 -13.25
N GLU B 69 -0.07 -15.25 -13.29
CA GLU B 69 1.25 -15.49 -12.70
C GLU B 69 2.38 -14.73 -13.40
N GLN B 70 2.10 -14.19 -14.56
CA GLN B 70 3.09 -13.43 -15.30
C GLN B 70 2.81 -11.95 -15.21
N GLY B 71 1.80 -11.61 -14.42
CA GLY B 71 1.47 -10.21 -14.21
C GLY B 71 0.46 -9.66 -15.22
N TRP B 72 -0.18 -10.50 -16.04
CA TRP B 72 -1.12 -10.00 -17.06
C TRP B 72 -2.58 -9.96 -16.58
N GLU B 73 -3.32 -8.93 -16.97
CA GLU B 73 -4.78 -8.99 -16.94
C GLU B 73 -5.33 -8.89 -18.36
N TYR B 74 -6.55 -9.36 -18.56
CA TYR B 74 -7.09 -9.60 -19.90
C TYR B 74 -8.43 -8.90 -20.15
N SER B 75 -8.75 -8.65 -21.40
CA SER B 75 -10.03 -8.03 -21.75
C SER B 75 -10.37 -8.20 -23.22
N ILE B 76 -11.50 -7.62 -23.60
CA ILE B 76 -11.95 -7.53 -24.97
C ILE B 76 -12.64 -6.20 -25.12
N THR B 77 -12.77 -5.74 -26.35
CA THR B 77 -13.48 -4.50 -26.59
C THR B 77 -14.93 -4.76 -26.92
N ILE B 78 -15.80 -4.16 -26.11
CA ILE B 78 -17.22 -4.36 -26.24
C ILE B 78 -17.90 -3.10 -26.81
N PRO B 79 -18.24 -3.15 -28.10
CA PRO B 79 -19.01 -2.06 -28.71
C PRO B 79 -20.14 -1.59 -27.80
N PRO B 80 -20.48 -0.30 -27.85
CA PRO B 80 -19.96 0.71 -28.79
C PRO B 80 -18.57 1.29 -28.45
N GLU B 81 -17.96 0.84 -27.36
CA GLU B 81 -16.70 1.43 -26.96
C GLU B 81 -15.57 1.02 -27.89
N ARG B 82 -14.47 1.77 -27.84
CA ARG B 82 -13.40 1.66 -28.82
C ARG B 82 -12.16 1.00 -28.20
N LYS B 83 -12.22 0.80 -26.90
CA LYS B 83 -11.16 0.14 -26.18
C LYS B 83 -11.78 -0.69 -25.05
N PRO B 84 -11.01 -1.62 -24.48
CA PRO B 84 -11.42 -2.41 -23.33
C PRO B 84 -11.63 -1.54 -22.11
N LYS B 85 -12.61 -1.86 -21.26
CA LYS B 85 -12.81 -1.12 -20.02
C LYS B 85 -12.70 -1.98 -18.76
N HIS B 86 -13.04 -3.27 -18.86
CA HIS B 86 -13.00 -4.15 -17.71
CA HIS B 86 -13.04 -4.18 -17.72
C HIS B 86 -12.00 -5.30 -17.94
N TRP B 87 -11.06 -5.44 -17.03
CA TRP B 87 -10.02 -6.44 -17.14
C TRP B 87 -10.21 -7.55 -16.10
N VAL B 88 -9.78 -8.74 -16.42
CA VAL B 88 -9.90 -9.89 -15.55
C VAL B 88 -8.55 -10.63 -15.50
N PRO B 89 -8.30 -11.37 -14.40
CA PRO B 89 -7.02 -12.05 -14.19
C PRO B 89 -6.76 -13.30 -15.01
N ALA B 90 -7.80 -13.99 -15.44
CA ALA B 90 -7.58 -15.27 -16.12
C ALA B 90 -7.79 -15.19 -17.64
N GLU B 91 -6.81 -15.72 -18.38
CA GLU B 91 -6.87 -15.78 -19.84
CA GLU B 91 -6.86 -15.77 -19.83
C GLU B 91 -7.96 -16.71 -20.30
N LYS B 92 -8.59 -16.36 -21.43
CA LYS B 92 -9.49 -17.25 -22.16
C LYS B 92 -9.25 -16.97 -23.62
N MET B 93 -9.59 -17.94 -24.46
CA MET B 93 -9.21 -17.88 -25.88
C MET B 93 -9.85 -16.73 -26.62
N TYR B 94 -11.01 -16.24 -26.16
CA TYR B 94 -11.70 -15.18 -26.89
C TYR B 94 -11.25 -13.80 -26.47
N TYR B 95 -10.42 -13.71 -25.44
CA TYR B 95 -9.90 -12.42 -25.02
C TYR B 95 -8.83 -11.97 -25.98
N THR B 96 -8.88 -10.68 -26.33
CA THR B 96 -8.06 -10.13 -27.39
C THR B 96 -7.05 -9.10 -26.99
N HIS B 97 -7.15 -8.61 -25.75
CA HIS B 97 -6.16 -7.66 -25.22
C HIS B 97 -5.64 -8.13 -23.87
N ARG B 98 -4.38 -7.83 -23.58
CA ARG B 98 -3.90 -7.98 -22.24
C ARG B 98 -2.89 -6.91 -21.89
N ARG B 99 -2.72 -6.63 -20.59
CA ARG B 99 -1.80 -5.60 -20.21
C ARG B 99 -1.20 -5.93 -18.88
N ARG B 100 -0.07 -5.32 -18.63
CA ARG B 100 0.68 -5.63 -17.44
C ARG B 100 1.18 -4.33 -16.86
N ARG B 101 0.96 -4.15 -15.56
CA ARG B 101 1.21 -2.91 -14.87
C ARG B 101 2.60 -2.90 -14.26
N TRP B 102 3.43 -1.96 -14.72
CA TRP B 102 4.77 -1.76 -14.22
C TRP B 102 4.81 -0.50 -13.36
N VAL B 103 5.48 -0.59 -12.22
CA VAL B 103 5.65 0.54 -11.31
C VAL B 103 7.09 0.72 -10.87
N ARG B 104 7.48 1.98 -10.68
CA ARG B 104 8.77 2.30 -10.13
C ARG B 104 8.74 3.58 -9.28
N LEU B 105 9.32 3.52 -8.06
CA LEU B 105 9.34 4.65 -7.11
C LEU B 105 10.44 5.65 -7.44
N ARG B 106 10.09 6.94 -7.45
CA ARG B 106 11.05 8.02 -7.55
C ARG B 106 10.85 9.01 -6.40
N ARG B 107 11.83 9.88 -6.19
CA ARG B 107 11.74 10.82 -5.07
C ARG B 107 12.36 12.12 -5.43
N ARG B 108 12.01 13.15 -4.67
CA ARG B 108 12.60 14.46 -4.80
C ARG B 108 12.89 15.03 -3.42
N ASP B 109 14.16 15.30 -3.17
CA ASP B 109 14.57 15.86 -1.91
C ASP B 109 14.04 17.27 -1.87
N LEU B 110 13.51 17.62 -0.72
CA LEU B 110 12.89 18.91 -0.56
C LEU B 110 13.89 19.97 -0.16
N SER B 111 15.04 19.55 0.40
CA SER B 111 16.23 20.41 0.56
C SER B 111 17.34 19.68 1.33
N ASP C 3 18.14 -6.34 -17.92
CA ASP C 3 17.32 -5.80 -16.84
C ASP C 3 15.89 -5.54 -17.35
N ALA C 4 15.11 -6.60 -17.33
CA ALA C 4 13.75 -6.57 -17.84
C ALA C 4 12.75 -6.30 -16.70
N GLY C 5 13.26 -6.05 -15.50
CA GLY C 5 12.41 -5.79 -14.33
C GLY C 5 12.12 -7.09 -13.59
N HIS C 6 11.26 -7.03 -12.59
CA HIS C 6 10.96 -8.21 -11.83
C HIS C 6 9.52 -8.23 -11.38
N LEU C 7 9.04 -9.43 -11.12
CA LEU C 7 7.74 -9.62 -10.56
C LEU C 7 7.89 -9.58 -9.05
N SER C 8 6.84 -9.15 -8.38
CA SER C 8 6.86 -9.06 -6.91
CA SER C 8 6.83 -9.02 -6.90
C SER C 8 5.61 -9.70 -6.35
N PHE C 9 5.74 -10.33 -5.20
CA PHE C 9 4.61 -10.94 -4.52
C PHE C 9 4.86 -10.92 -3.03
N VAL C 10 3.87 -10.43 -2.31
CA VAL C 10 3.90 -10.42 -0.86
C VAL C 10 3.17 -11.66 -0.36
N GLU C 11 3.89 -12.54 0.32
CA GLU C 11 3.28 -13.68 0.96
C GLU C 11 2.58 -13.21 2.24
N GLU C 12 1.37 -13.71 2.50
CA GLU C 12 0.60 -13.36 3.67
C GLU C 12 0.16 -14.61 4.41
N VAL C 13 0.45 -14.70 5.71
CA VAL C 13 -0.12 -15.78 6.50
C VAL C 13 -0.55 -15.31 7.91
N PHE C 14 -1.46 -16.06 8.53
CA PHE C 14 -1.98 -15.69 9.82
C PHE C 14 -1.63 -16.70 10.91
N GLU C 15 -1.01 -16.19 11.96
CA GLU C 15 -0.76 -16.95 13.18
C GLU C 15 -2.00 -16.90 14.07
N ASN C 16 -2.50 -18.05 14.48
CA ASN C 16 -3.75 -18.15 15.26
C ASN C 16 -3.55 -18.72 16.64
N GLN C 17 -4.25 -18.15 17.62
CA GLN C 17 -4.33 -18.71 18.94
C GLN C 17 -5.81 -18.76 19.38
N THR C 18 -6.15 -19.66 20.29
CA THR C 18 -7.48 -19.73 20.87
C THR C 18 -7.35 -19.86 22.37
N ARG C 19 -8.48 -19.68 23.07
CA ARG C 19 -8.55 -19.93 24.51
C ARG C 19 -10.00 -20.11 24.94
N LEU C 20 -10.16 -20.58 26.16
CA LEU C 20 -11.46 -20.61 26.81
C LEU C 20 -11.55 -19.27 27.48
N PRO C 21 -12.75 -18.68 27.50
CA PRO C 21 -12.93 -17.39 28.19
C PRO C 21 -12.21 -17.37 29.52
N GLY C 22 -11.43 -16.31 29.75
CA GLY C 22 -10.71 -16.17 31.00
C GLY C 22 -9.39 -16.89 31.07
N GLY C 23 -9.12 -17.73 30.07
CA GLY C 23 -7.88 -18.49 30.07
C GLY C 23 -6.72 -17.68 29.54
N GLN C 24 -5.64 -18.38 29.23
CA GLN C 24 -4.44 -17.73 28.76
C GLN C 24 -4.26 -18.09 27.31
N TRP C 25 -3.61 -17.20 26.59
CA TRP C 25 -3.33 -17.42 25.19
C TRP C 25 -2.15 -18.35 25.14
N ILE C 26 -2.23 -19.43 24.38
CA ILE C 26 -1.07 -20.33 24.34
C ILE C 26 -0.66 -20.60 22.90
N TYR C 27 0.64 -20.66 22.66
CA TYR C 27 1.21 -20.95 21.33
C TYR C 27 0.76 -22.35 20.93
N MET C 28 0.49 -22.55 19.64
CA MET C 28 0.09 -23.88 19.18
C MET C 28 0.83 -24.39 17.96
N SER C 29 0.29 -25.46 17.39
CA SER C 29 0.90 -26.20 16.29
C SER C 29 -0.16 -27.18 15.82
N ASP C 30 -0.53 -27.19 14.54
CA ASP C 30 0.10 -26.43 13.47
C ASP C 30 -0.88 -25.32 13.06
N ASN C 31 -0.64 -24.11 13.58
CA ASN C 31 -1.70 -23.10 13.78
C ASN C 31 -1.71 -21.89 12.82
N TYR C 32 -1.28 -22.09 11.59
CA TYR C 32 -1.26 -21.03 10.60
C TYR C 32 -2.29 -21.27 9.52
N THR C 33 -2.96 -20.21 9.09
CA THR C 33 -3.95 -20.30 8.03
C THR C 33 -3.83 -19.11 7.08
N ASP C 34 -4.56 -19.17 5.96
CA ASP C 34 -4.74 -17.98 5.12
C ASP C 34 -5.86 -17.14 5.71
N VAL C 35 -6.24 -16.06 5.03
CA VAL C 35 -7.22 -15.13 5.58
C VAL C 35 -8.62 -15.78 5.74
N ASN C 36 -8.88 -16.84 5.00
CA ASN C 36 -10.17 -17.52 5.10
C ASN C 36 -10.24 -18.60 6.18
N GLY C 37 -9.16 -18.77 6.92
CA GLY C 37 -9.13 -19.76 7.99
C GLY C 37 -8.69 -21.15 7.52
N GLU C 38 -8.28 -21.26 6.26
CA GLU C 38 -7.77 -22.51 5.71
C GLU C 38 -6.29 -22.70 6.02
N LYS C 39 -5.91 -23.93 6.39
CA LYS C 39 -4.56 -24.17 6.86
C LYS C 39 -3.51 -23.94 5.77
N VAL C 40 -2.32 -23.54 6.22
CA VAL C 40 -1.13 -23.41 5.39
C VAL C 40 0.07 -23.72 6.29
N LEU C 41 1.28 -23.71 5.74
CA LEU C 41 2.46 -24.00 6.55
C LEU C 41 2.83 -22.82 7.43
N PRO C 42 3.47 -23.08 8.59
CA PRO C 42 3.96 -22.04 9.50
C PRO C 42 4.95 -21.11 8.78
N LYS C 43 4.96 -19.83 9.12
CA LYS C 43 5.71 -18.86 8.33
C LYS C 43 7.15 -19.29 8.08
N ASP C 44 7.77 -19.95 9.05
CA ASP C 44 9.19 -20.28 8.96
C ASP C 44 9.48 -21.45 8.06
N ASP C 45 8.45 -22.21 7.72
CA ASP C 45 8.63 -23.33 6.82
C ASP C 45 8.24 -22.95 5.41
N ILE C 46 7.79 -21.73 5.20
CA ILE C 46 7.35 -21.36 3.86
C ILE C 46 8.53 -21.03 2.96
N GLU C 47 8.54 -21.60 1.76
CA GLU C 47 9.65 -21.43 0.84
C GLU C 47 9.25 -20.74 -0.46
N CYS C 48 10.20 -20.04 -1.05
CA CYS C 48 10.02 -19.45 -2.35
C CYS C 48 9.76 -20.53 -3.37
N PRO C 49 8.88 -20.26 -4.34
CA PRO C 49 8.85 -21.16 -5.51
C PRO C 49 10.12 -21.08 -6.32
N LEU C 50 10.38 -22.16 -7.04
CA LEU C 50 11.49 -22.23 -7.96
C LEU C 50 11.57 -20.96 -8.81
N GLY C 51 12.75 -20.35 -8.83
CA GLY C 51 12.96 -19.16 -9.63
C GLY C 51 12.73 -17.88 -8.83
N TRP C 52 12.18 -17.97 -7.63
CA TRP C 52 11.91 -16.76 -6.81
C TRP C 52 12.92 -16.69 -5.67
N LYS C 53 13.10 -15.48 -5.11
CA LYS C 53 13.97 -15.26 -3.96
C LYS C 53 13.24 -14.32 -2.99
N TRP C 54 13.46 -14.46 -1.70
CA TRP C 54 12.93 -13.47 -0.79
C TRP C 54 13.63 -12.12 -1.00
N GLU C 55 12.88 -11.05 -0.90
CA GLU C 55 13.46 -9.71 -0.90
C GLU C 55 13.53 -9.23 0.55
N ASP C 56 12.45 -9.40 1.32
CA ASP C 56 12.49 -9.06 2.76
C ASP C 56 13.34 -10.09 3.53
N GLU C 57 14.28 -9.62 4.32
CA GLU C 57 15.10 -10.55 5.13
C GLU C 57 14.27 -11.25 6.19
N GLU C 58 13.17 -10.65 6.61
CA GLU C 58 12.36 -11.18 7.70
C GLU C 58 10.89 -11.01 7.41
N TRP C 59 10.08 -11.84 8.06
CA TRP C 59 8.65 -11.66 8.17
C TRP C 59 8.33 -10.44 9.04
N SER C 60 7.21 -9.79 8.74
CA SER C 60 6.82 -8.57 9.41
C SER C 60 5.34 -8.53 9.65
N THR C 61 4.92 -7.74 10.64
CA THR C 61 3.51 -7.58 10.94
C THR C 61 3.19 -6.09 11.07
N ASP C 62 2.16 -5.67 10.34
CA ASP C 62 1.82 -4.28 10.12
C ASP C 62 0.84 -3.76 11.19
N LEU C 63 1.35 -2.92 12.07
CA LEU C 63 0.58 -2.41 13.19
C LEU C 63 -0.33 -1.22 12.79
N ASN C 64 -0.33 -0.82 11.52
CA ASN C 64 -1.29 0.21 11.10
C ASN C 64 -2.65 -0.40 10.79
N ARG C 65 -2.73 -1.72 10.68
CA ARG C 65 -4.01 -2.36 10.54
CA ARG C 65 -4.00 -2.38 10.55
C ARG C 65 -4.72 -2.27 11.89
N ALA C 66 -5.95 -2.77 11.94
CA ALA C 66 -6.73 -2.74 13.19
C ALA C 66 -6.34 -3.88 14.14
N VAL C 67 -5.20 -3.71 14.81
CA VAL C 67 -4.68 -4.75 15.66
C VAL C 67 -4.11 -4.10 16.91
N ASP C 68 -3.84 -4.88 17.93
CA ASP C 68 -3.29 -4.32 19.15
C ASP C 68 -1.76 -4.12 18.97
N GLU C 69 -1.07 -3.73 20.02
CA GLU C 69 0.35 -3.35 19.95
C GLU C 69 1.33 -4.50 19.68
N GLN C 70 0.82 -5.72 19.75
CA GLN C 70 1.60 -6.90 19.42
C GLN C 70 1.14 -7.49 18.08
N GLY C 71 0.20 -6.84 17.42
CA GLY C 71 -0.23 -7.26 16.09
C GLY C 71 -1.41 -8.20 16.06
N TRP C 72 -2.09 -8.37 17.20
CA TRP C 72 -3.22 -9.32 17.26
C TRP C 72 -4.54 -8.62 17.01
N GLU C 73 -5.45 -9.30 16.32
CA GLU C 73 -6.87 -8.94 16.34
C GLU C 73 -7.62 -10.13 16.94
N TYR C 74 -8.82 -9.86 17.46
CA TYR C 74 -9.57 -10.80 18.30
C TYR C 74 -10.96 -11.09 17.78
N SER C 75 -11.50 -12.23 18.18
CA SER C 75 -12.85 -12.54 17.77
C SER C 75 -13.42 -13.60 18.62
N ILE C 76 -14.65 -13.98 18.28
CA ILE C 76 -15.30 -15.12 18.91
C ILE C 76 -16.13 -15.80 17.84
N THR C 77 -16.48 -17.05 18.09
CA THR C 77 -17.34 -17.83 17.21
C THR C 77 -18.79 -17.76 17.70
N ILE C 78 -19.67 -17.24 16.86
CA ILE C 78 -21.04 -17.03 17.30
C ILE C 78 -22.00 -17.98 16.59
N PRO C 79 -22.40 -19.06 17.29
CA PRO C 79 -23.40 -19.97 16.72
C PRO C 79 -24.52 -19.17 16.13
N PRO C 80 -25.11 -19.65 15.04
CA PRO C 80 -24.86 -20.97 14.45
C PRO C 80 -23.55 -21.11 13.66
N GLU C 81 -22.75 -20.05 13.59
CA GLU C 81 -21.53 -20.11 12.81
C GLU C 81 -20.48 -20.98 13.48
N ARG C 82 -19.50 -21.39 12.69
CA ARG C 82 -18.51 -22.34 13.17
C ARG C 82 -17.11 -21.75 13.23
N LYS C 83 -16.96 -20.54 12.73
CA LYS C 83 -15.67 -19.87 12.78
C LYS C 83 -15.88 -18.39 13.04
N PRO C 84 -14.83 -17.70 13.50
CA PRO C 84 -14.95 -16.25 13.69
C PRO C 84 -15.14 -15.59 12.34
N LYS C 85 -15.94 -14.53 12.29
CA LYS C 85 -16.11 -13.80 11.05
C LYS C 85 -15.67 -12.34 11.15
N HIS C 86 -15.79 -11.76 12.34
CA HIS C 86 -15.49 -10.35 12.52
C HIS C 86 -14.44 -10.19 13.60
N TRP C 87 -13.37 -9.50 13.25
CA TRP C 87 -12.25 -9.32 14.15
C TRP C 87 -12.18 -7.88 14.66
N VAL C 88 -11.68 -7.69 15.87
CA VAL C 88 -11.55 -6.35 16.40
C VAL C 88 -10.17 -6.11 17.02
N PRO C 89 -9.75 -4.86 17.11
CA PRO C 89 -8.40 -4.57 17.61
C PRO C 89 -8.22 -4.77 19.13
N ALA C 90 -9.27 -4.69 19.92
CA ALA C 90 -9.13 -4.67 21.37
C ALA C 90 -9.47 -6.03 22.00
N GLU C 91 -8.63 -6.48 22.92
CA GLU C 91 -8.85 -7.73 23.63
C GLU C 91 -9.91 -7.55 24.73
N LYS C 92 -10.75 -8.55 24.90
CA LYS C 92 -11.70 -8.61 26.02
C LYS C 92 -11.73 -10.03 26.52
N MET C 93 -12.10 -10.20 27.80
CA MET C 93 -11.88 -11.47 28.47
C MET C 93 -12.71 -12.56 27.81
N TYR C 94 -13.81 -12.15 27.18
CA TYR C 94 -14.73 -13.13 26.59
C TYR C 94 -14.37 -13.50 25.15
N TYR C 95 -13.36 -12.84 24.57
CA TYR C 95 -12.90 -13.21 23.21
C TYR C 95 -12.05 -14.49 23.23
N THR C 96 -12.31 -15.37 22.28
CA THR C 96 -11.76 -16.71 22.28
C THR C 96 -10.77 -17.00 21.17
N HIS C 97 -10.65 -16.12 20.18
CA HIS C 97 -9.67 -16.31 19.11
C HIS C 97 -8.88 -15.03 18.91
N ARG C 98 -7.62 -15.18 18.55
CA ARG C 98 -6.87 -14.06 18.05
C ARG C 98 -5.93 -14.51 16.96
N ARG C 99 -5.59 -13.58 16.08
CA ARG C 99 -4.73 -13.93 14.97
C ARG C 99 -3.88 -12.75 14.61
N ARG C 100 -2.80 -13.04 13.93
CA ARG C 100 -1.81 -12.03 13.63
C ARG C 100 -1.29 -12.25 12.20
N ARG C 101 -1.29 -11.19 11.41
CA ARG C 101 -0.99 -11.28 9.99
C ARG C 101 0.48 -11.03 9.73
N TRP C 102 1.14 -12.04 9.19
CA TRP C 102 2.56 -11.94 8.84
C TRP C 102 2.72 -11.84 7.32
N VAL C 103 3.57 -10.92 6.87
CA VAL C 103 3.81 -10.75 5.46
C VAL C 103 5.29 -10.75 5.14
N ARG C 104 5.65 -11.23 3.96
CA ARG C 104 7.03 -11.16 3.49
C ARG C 104 7.13 -11.13 1.94
N LEU C 105 7.93 -10.19 1.44
CA LEU C 105 8.05 -9.93 0.03
C LEU C 105 9.06 -10.84 -0.66
N ARG C 106 8.66 -11.43 -1.78
CA ARG C 106 9.59 -12.16 -2.66
C ARG C 106 9.52 -11.63 -4.08
N ARG C 107 10.54 -11.94 -4.86
CA ARG C 107 10.59 -11.46 -6.21
C ARG C 107 11.15 -12.49 -7.18
N ARG C 108 10.88 -12.26 -8.46
CA ARG C 108 11.46 -13.05 -9.51
C ARG C 108 11.91 -12.16 -10.62
N ASP C 109 13.21 -12.21 -10.93
CA ASP C 109 13.79 -11.44 -12.02
C ASP C 109 13.33 -12.01 -13.34
N LEU C 110 12.97 -11.15 -14.29
CA LEU C 110 12.44 -11.62 -15.56
C LEU C 110 13.44 -11.95 -16.66
N SER C 111 14.65 -11.42 -16.59
CA SER C 111 15.72 -11.91 -17.46
C SER C 111 16.99 -11.11 -17.28
P PO4 D . 1.96 1.73 18.27
O1 PO4 D . 3.38 1.22 18.26
O2 PO4 D . 1.45 1.70 19.69
O3 PO4 D . 0.97 0.92 17.43
O4 PO4 D . 2.03 3.16 17.84
P PO4 E . 4.18 14.57 -10.24
O1 PO4 E . 5.55 13.96 -10.03
O2 PO4 E . 3.44 14.68 -8.93
O3 PO4 E . 3.40 13.69 -11.21
O4 PO4 E . 4.39 15.95 -10.82
P PO4 F . 1.98 -16.44 -7.40
O1 PO4 F . 3.44 -16.12 -7.66
O2 PO4 F . 1.84 -16.75 -5.93
O3 PO4 F . 1.60 -17.66 -8.23
O4 PO4 F . 1.04 -15.32 -7.81
#